data_7VM5
#
_entry.id   7VM5
#
_cell.length_a   120.391
_cell.length_b   120.391
_cell.length_c   42.458
_cell.angle_alpha   90.000
_cell.angle_beta   90.000
_cell.angle_gamma   120.000
#
_symmetry.space_group_name_H-M   'H 3'
#
loop_
_entity.id
_entity.type
_entity.pdbx_description
1 polymer 'Urokinase-type plasminogen activator'
2 non-polymer 'TRIETHYLENE GLYCOL'
3 non-polymer '4-carbamimidamidobenzoic acid'
4 water water
#
_entity_poly.entity_id   1
_entity_poly.type   'polypeptide(L)'
_entity_poly.pdbx_seq_one_letter_code
;IIGGEFTTIENQPWFAAIYRRHRGGSVTYVCGGSLISPCWVISATHCFIDYPKKEDYIVYLGRSRLNSNTQGEMKFEVEN
LILHKDYSADTLAHHNDIALLKIRSKEGRCAQPSRTIQTIALPSMYNDPQFGTSCEITGFGKEQSTDYLYPEQLKMTVVK
LISHRECQQPHYYGSEVTTKMLCAADPQWKTDSCQGDSGGPLVCSLQGRMTLTGIVSWGRGCALKDKPGVYTRVSHFLPW
IRSHTK
;
_entity_poly.pdbx_strand_id   U
#
loop_
_chem_comp.id
_chem_comp.type
_chem_comp.name
_chem_comp.formula
GBS non-polymer '4-carbamimidamidobenzoic acid' 'C8 H9 N3 O2'
PGE non-polymer 'TRIETHYLENE GLYCOL' 'C6 H14 O4'
#
# COMPACT_ATOMS: atom_id res chain seq x y z
N ILE A 1 -1.09 -9.53 5.92
CA ILE A 1 -1.25 -10.55 4.86
C ILE A 1 -1.70 -11.87 5.48
N ILE A 2 -2.89 -12.32 5.08
CA ILE A 2 -3.50 -13.63 5.47
C ILE A 2 -2.90 -14.63 4.50
N GLY A 3 -2.27 -15.69 4.99
CA GLY A 3 -1.62 -16.67 4.12
C GLY A 3 -0.34 -16.10 3.48
N GLY A 4 -0.06 -16.50 2.26
CA GLY A 4 1.17 -16.13 1.53
C GLY A 4 2.40 -16.62 2.25
N GLU A 5 3.47 -15.85 2.16
CA GLU A 5 4.78 -16.28 2.68
C GLU A 5 5.50 -15.09 3.31
N PHE A 6 6.41 -15.36 4.23
CA PHE A 6 7.39 -14.35 4.68
C PHE A 6 8.35 -14.05 3.52
N THR A 7 8.85 -12.82 3.51
CA THR A 7 9.79 -12.32 2.49
C THR A 7 10.74 -11.40 3.22
N THR A 8 11.69 -10.83 2.49
CA THR A 8 12.63 -9.81 2.99
C THR A 8 12.53 -8.64 2.02
N ILE A 9 13.05 -7.49 2.41
CA ILE A 9 12.86 -6.24 1.63
C ILE A 9 13.51 -6.37 0.24
N GLU A 10 14.53 -7.20 0.06
CA GLU A 10 15.18 -7.34 -1.28
C GLU A 10 14.19 -7.79 -2.34
N ASN A 11 13.12 -8.49 -1.96
CA ASN A 11 12.12 -8.98 -2.94
C ASN A 11 11.09 -7.90 -3.29
N GLN A 12 10.97 -6.84 -2.50
CA GLN A 12 9.96 -5.75 -2.69
C GLN A 12 10.63 -4.46 -2.23
N PRO A 13 11.76 -4.08 -2.89
CA PRO A 13 12.67 -3.06 -2.35
C PRO A 13 12.14 -1.62 -2.42
N TRP A 14 10.95 -1.44 -2.99
CA TRP A 14 10.18 -0.18 -3.00
C TRP A 14 9.26 -0.08 -1.77
N PHE A 15 9.13 -1.15 -0.98
CA PHE A 15 8.21 -1.16 0.19
C PHE A 15 8.72 -0.13 1.23
N ALA A 16 7.80 0.75 1.64
CA ALA A 16 8.02 1.77 2.67
C ALA A 16 7.22 1.41 3.91
N ALA A 17 7.88 1.45 5.07
CA ALA A 17 7.28 1.21 6.40
C ALA A 17 7.07 2.56 7.05
N ILE A 18 5.80 2.91 7.28
CA ILE A 18 5.40 4.25 7.82
C ILE A 18 4.93 4.10 9.26
N TYR A 19 5.54 4.88 10.16
CA TYR A 19 5.25 4.84 11.62
C TYR A 19 4.82 6.23 12.07
N ARG A 20 4.16 6.29 13.20
CA ARG A 20 3.73 7.58 13.81
C ARG A 20 4.33 7.73 15.21
N ARG A 21 4.84 8.92 15.53
CA ARG A 21 5.26 9.33 16.89
C ARG A 21 4.01 9.61 17.73
N HIS A 22 3.97 9.10 18.96
CA HIS A 22 2.99 9.52 20.00
C HIS A 22 3.66 10.56 20.92
N ARG A 23 2.89 11.57 21.31
CA ARG A 23 3.07 12.38 22.55
C ARG A 23 3.46 11.42 23.70
N GLY A 24 4.67 11.58 24.23
CA GLY A 24 5.33 10.62 25.15
C GLY A 24 6.55 9.98 24.48
N GLY A 25 6.43 9.66 23.20
CA GLY A 25 7.56 9.27 22.33
C GLY A 25 7.50 7.81 21.89
N SER A 26 6.49 7.03 22.29
CA SER A 26 6.27 5.68 21.72
C SER A 26 5.99 5.85 20.21
N VAL A 27 6.45 4.90 19.39
CA VAL A 27 6.39 4.92 17.90
C VAL A 27 5.76 3.61 17.41
N THR A 28 4.58 3.68 16.77
CA THR A 28 3.77 2.51 16.32
C THR A 28 3.67 2.54 14.80
N TYR A 29 3.61 1.36 14.19
CA TYR A 29 3.44 1.20 12.74
C TYR A 29 2.06 1.75 12.33
N VAL A 30 2.01 2.45 11.21
CA VAL A 30 0.72 3.00 10.70
C VAL A 30 0.32 2.21 9.46
N CYS A 31 1.19 2.21 8.44
CA CYS A 31 0.79 1.81 7.08
C CYS A 31 2.02 1.49 6.23
N GLY A 32 1.78 0.76 5.15
CA GLY A 32 2.77 0.58 4.07
C GLY A 32 2.72 1.73 3.10
N GLY A 33 3.64 1.72 2.15
CA GLY A 33 3.69 2.66 1.02
C GLY A 33 4.65 2.13 -0.02
N SER A 34 4.80 2.83 -1.14
CA SER A 34 5.71 2.44 -2.25
C SER A 34 6.55 3.64 -2.69
N LEU A 35 7.87 3.47 -2.76
CA LEU A 35 8.81 4.49 -3.26
C LEU A 35 8.64 4.56 -4.78
N ILE A 36 8.16 5.70 -5.28
CA ILE A 36 7.97 5.91 -6.74
C ILE A 36 9.08 6.82 -7.30
N SER A 37 9.84 7.51 -6.45
CA SER A 37 11.06 8.23 -6.88
C SER A 37 11.89 8.47 -5.63
N PRO A 38 13.15 8.93 -5.75
CA PRO A 38 14.00 9.03 -4.56
C PRO A 38 13.35 9.83 -3.40
N CYS A 39 12.55 10.87 -3.67
CA CYS A 39 11.99 11.74 -2.60
C CYS A 39 10.49 11.47 -2.34
N TRP A 40 9.84 10.56 -3.08
CA TRP A 40 8.37 10.38 -3.00
C TRP A 40 7.98 8.94 -2.70
N VAL A 41 7.17 8.79 -1.66
CA VAL A 41 6.41 7.55 -1.32
C VAL A 41 4.92 7.76 -1.57
N ILE A 42 4.28 6.78 -2.19
CA ILE A 42 2.81 6.81 -2.40
C ILE A 42 2.17 5.82 -1.42
N SER A 43 1.00 6.18 -0.90
CA SER A 43 0.31 5.41 0.15
C SER A 43 -1.19 5.71 0.08
N ALA A 44 -1.93 5.48 1.17
CA ALA A 44 -3.39 5.68 1.24
C ALA A 44 -3.70 6.86 2.16
N THR A 45 -4.56 7.78 1.75
CA THR A 45 -5.03 8.90 2.62
C THR A 45 -5.62 8.35 3.93
N HIS A 46 -6.38 7.24 3.90
CA HIS A 46 -7.08 6.78 5.13
C HIS A 46 -6.05 6.49 6.24
N CYS A 47 -4.80 6.25 5.90
CA CYS A 47 -3.72 6.02 6.89
C CYS A 47 -3.51 7.25 7.78
N PHE A 48 -3.64 8.45 7.24
CA PHE A 48 -3.18 9.73 7.88
C PHE A 48 -4.35 10.65 8.25
N ILE A 49 -5.56 10.33 7.81
CA ILE A 49 -6.64 11.36 7.74
C ILE A 49 -7.00 11.79 9.16
N ASP A 50 -6.88 10.92 10.17
CA ASP A 50 -7.16 11.26 11.59
C ASP A 50 -6.03 12.09 12.20
N TYR A 51 -4.80 11.96 11.71
CA TYR A 51 -3.60 12.56 12.31
C TYR A 51 -2.77 13.21 11.21
N PRO A 52 -3.29 14.27 10.56
CA PRO A 52 -2.72 14.70 9.28
C PRO A 52 -1.48 15.58 9.41
N LYS A 53 -0.78 15.55 10.55
CA LYS A 53 0.39 16.41 10.82
C LYS A 53 1.66 15.66 10.39
N LYS A 54 2.35 16.15 9.35
CA LYS A 54 3.50 15.45 8.74
C LYS A 54 4.59 15.25 9.79
N GLU A 55 4.67 16.07 10.84
CA GLU A 55 5.78 16.01 11.84
C GLU A 55 5.61 14.75 12.70
N ASP A 56 4.45 14.12 12.69
CA ASP A 56 4.11 12.95 13.54
C ASP A 56 4.70 11.65 12.95
N TYR A 57 5.18 11.65 11.70
CA TYR A 57 5.42 10.40 10.94
C TYR A 57 6.91 10.20 10.62
N ILE A 58 7.28 8.93 10.59
CA ILE A 58 8.63 8.44 10.22
C ILE A 58 8.44 7.42 9.08
N VAL A 59 9.29 7.51 8.07
CA VAL A 59 9.29 6.56 6.94
C VAL A 59 10.62 5.84 6.99
N TYR A 60 10.57 4.51 6.92
CA TYR A 60 11.76 3.66 6.66
C TYR A 60 11.67 3.07 5.27
N LEU A 61 12.83 2.96 4.63
CA LEU A 61 13.07 2.17 3.40
C LEU A 61 14.14 1.12 3.73
N GLY A 62 14.21 0.03 2.97
CA GLY A 62 15.15 -1.09 3.22
C GLY A 62 14.86 -1.80 4.52
N ARG A 63 13.61 -1.81 4.99
CA ARG A 63 13.24 -2.43 6.29
C ARG A 63 12.42 -3.71 6.06
N SER A 64 12.85 -4.85 6.65
CA SER A 64 12.24 -6.20 6.55
C SER A 64 11.53 -6.58 7.85
N ARG A 65 11.77 -5.86 8.95
CA ARG A 65 11.17 -6.21 10.26
C ARG A 65 10.46 -5.00 10.87
N LEU A 66 9.38 -5.29 11.60
CA LEU A 66 8.46 -4.23 12.09
C LEU A 66 9.13 -3.42 13.21
N ASN A 67 9.67 -4.11 14.22
CA ASN A 67 10.07 -3.46 15.49
C ASN A 67 11.56 -3.63 15.73
N SER A 68 12.33 -4.04 14.74
CA SER A 68 13.80 -4.15 14.82
C SER A 68 14.42 -3.57 13.53
N ASN A 69 15.69 -3.19 13.59
CA ASN A 69 16.37 -2.53 12.46
C ASN A 69 16.79 -3.63 11.48
N THR A 70 16.68 -3.34 10.19
CA THR A 70 17.26 -4.15 9.10
C THR A 70 18.56 -3.47 8.67
N GLN A 71 19.64 -4.23 8.61
CA GLN A 71 20.93 -3.71 8.09
C GLN A 71 20.67 -3.03 6.74
N GLY A 72 21.13 -1.79 6.60
CA GLY A 72 21.02 -1.02 5.34
C GLY A 72 19.78 -0.13 5.30
N GLU A 73 18.94 -0.13 6.32
CA GLU A 73 17.67 0.64 6.28
C GLU A 73 17.98 2.15 6.27
N MET A 74 17.10 2.98 5.69
CA MET A 74 17.20 4.45 5.79
C MET A 74 15.89 4.98 6.41
N LYS A 75 16.05 5.97 7.28
CA LYS A 75 14.97 6.56 8.10
C LYS A 75 14.76 8.00 7.61
N PHE A 76 13.51 8.40 7.36
CA PHE A 76 13.18 9.72 6.78
C PHE A 76 12.12 10.44 7.63
N GLU A 77 12.22 11.76 7.70
CA GLU A 77 11.11 12.63 8.11
C GLU A 77 10.23 12.88 6.89
N VAL A 78 9.01 13.32 7.13
CA VAL A 78 8.06 13.69 6.05
C VAL A 78 8.14 15.21 5.86
N GLU A 79 8.71 15.64 4.73
CA GLU A 79 8.84 17.06 4.33
C GLU A 79 7.45 17.57 3.90
N ASN A 80 6.62 16.71 3.31
CA ASN A 80 5.24 17.03 2.85
C ASN A 80 4.37 15.79 2.97
N LEU A 81 3.13 15.98 3.39
CA LEU A 81 2.09 14.93 3.46
C LEU A 81 0.94 15.44 2.61
N ILE A 82 0.78 14.89 1.40
CA ILE A 82 -0.25 15.32 0.43
C ILE A 82 -1.39 14.28 0.44
N LEU A 83 -2.52 14.66 1.02
CA LEU A 83 -3.74 13.82 1.03
C LEU A 83 -4.64 14.25 -0.12
N HIS A 84 -5.49 13.36 -0.62
CA HIS A 84 -6.32 13.63 -1.80
C HIS A 84 -7.54 14.44 -1.34
N LYS A 85 -7.71 15.62 -1.94
CA LYS A 85 -8.75 16.62 -1.55
C LYS A 85 -10.14 16.00 -1.68
N ASP A 86 -10.34 14.98 -2.53
CA ASP A 86 -11.69 14.39 -2.74
C ASP A 86 -11.81 13.05 -2.00
N TYR A 87 -10.94 12.80 -1.03
CA TYR A 87 -11.09 11.61 -0.16
C TYR A 87 -12.50 11.61 0.43
N SER A 88 -13.14 10.46 0.52
CA SER A 88 -14.32 10.26 1.38
C SER A 88 -14.36 8.79 1.79
N ALA A 89 -14.88 8.50 2.98
CA ALA A 89 -15.06 7.11 3.41
C ALA A 89 -16.55 6.86 3.69
N ASP A 90 -17.10 5.78 3.12
CA ASP A 90 -18.39 5.15 3.52
C ASP A 90 -18.08 4.21 4.69
N THR A 91 -19.09 3.49 5.21
CA THR A 91 -18.92 2.45 6.26
C THR A 91 -17.79 1.49 5.85
N LEU A 92 -17.70 1.16 4.56
CA LEU A 92 -16.68 0.25 4.00
C LEU A 92 -15.70 1.05 3.14
N ALA A 93 -16.18 1.60 2.03
CA ALA A 93 -15.37 2.09 0.92
C ALA A 93 -14.61 3.35 1.33
N HIS A 94 -13.37 3.46 0.85
CA HIS A 94 -12.57 4.72 0.81
C HIS A 94 -12.45 5.15 -0.65
N HIS A 95 -12.94 6.35 -0.98
CA HIS A 95 -12.85 6.92 -2.35
C HIS A 95 -11.60 7.79 -2.39
N ASN A 96 -10.93 7.82 -3.54
CA ASN A 96 -9.67 8.60 -3.76
C ASN A 96 -8.73 8.36 -2.59
N ASP A 97 -8.52 7.10 -2.25
CA ASP A 97 -7.70 6.69 -1.08
C ASP A 97 -6.25 6.64 -1.55
N ILE A 98 -5.67 7.82 -1.76
CA ILE A 98 -4.29 7.97 -2.28
C ILE A 98 -3.65 9.17 -1.59
N ALA A 99 -2.35 9.05 -1.32
CA ALA A 99 -1.56 10.00 -0.53
C ALA A 99 -0.12 9.92 -1.00
N LEU A 100 0.58 11.04 -0.88
CA LEU A 100 1.99 11.22 -1.29
C LEU A 100 2.74 11.79 -0.09
N LEU A 101 3.84 11.15 0.27
CA LEU A 101 4.76 11.60 1.33
C LEU A 101 6.11 11.94 0.69
N LYS A 102 6.52 13.21 0.85
CA LYS A 102 7.85 13.68 0.38
C LYS A 102 8.80 13.40 1.53
N ILE A 103 9.80 12.57 1.31
CA ILE A 103 10.66 12.10 2.44
C ILE A 103 11.97 12.91 2.44
N ARG A 104 12.53 13.14 3.62
CA ARG A 104 13.87 13.77 3.72
C ARG A 104 14.46 13.43 5.07
N SER A 105 15.72 12.99 5.08
CA SER A 105 16.45 12.52 6.27
C SER A 105 16.90 13.74 7.11
N LYS A 106 17.37 13.50 8.34
CA LYS A 106 17.90 14.54 9.26
C LYS A 106 19.02 15.38 8.61
N GLU A 107 19.67 14.86 7.56
CA GLU A 107 20.77 15.53 6.81
C GLU A 107 20.24 16.02 5.45
N GLY A 108 18.92 15.99 5.25
CA GLY A 108 18.25 16.65 4.11
C GLY A 108 18.51 15.91 2.82
N ARG A 109 18.64 14.59 2.89
CA ARG A 109 18.79 13.74 1.69
C ARG A 109 17.49 12.91 1.50
N CYS A 110 17.28 12.49 0.27
CA CYS A 110 16.24 11.52 -0.15
C CYS A 110 16.84 10.11 -0.12
N ALA A 111 16.18 9.13 -0.75
CA ALA A 111 16.66 7.73 -0.77
C ALA A 111 17.82 7.61 -1.77
N GLN A 112 18.84 6.86 -1.37
CA GLN A 112 19.92 6.36 -2.23
C GLN A 112 19.61 4.91 -2.57
N PRO A 113 19.22 4.60 -3.83
CA PRO A 113 18.96 3.23 -4.24
C PRO A 113 20.11 2.27 -3.92
N SER A 114 19.74 1.03 -3.58
CA SER A 114 20.65 -0.05 -3.14
C SER A 114 19.98 -1.39 -3.48
N ARG A 115 20.55 -2.48 -2.99
CA ARG A 115 19.94 -3.82 -3.15
C ARG A 115 18.60 -3.87 -2.38
N THR A 116 18.42 -3.06 -1.32
CA THR A 116 17.24 -3.16 -0.43
C THR A 116 16.33 -1.95 -0.59
N ILE A 117 16.70 -0.99 -1.45
CA ILE A 117 15.95 0.27 -1.66
C ILE A 117 15.94 0.58 -3.15
N GLN A 118 14.79 0.43 -3.82
CA GLN A 118 14.59 0.67 -5.27
C GLN A 118 13.20 1.30 -5.49
N THR A 119 13.03 2.09 -6.56
CA THR A 119 11.73 2.68 -6.96
C THR A 119 10.96 1.59 -7.70
N ILE A 120 9.63 1.69 -7.71
CA ILE A 120 8.70 0.88 -8.54
C ILE A 120 8.17 1.82 -9.61
N ALA A 121 7.98 1.34 -10.83
CA ALA A 121 7.39 2.06 -11.97
C ALA A 121 5.88 2.27 -11.77
N LEU A 122 5.41 3.44 -12.16
CA LEU A 122 3.98 3.73 -12.32
C LEU A 122 3.54 3.09 -13.62
N PRO A 123 2.26 2.69 -13.71
CA PRO A 123 1.70 2.22 -14.97
C PRO A 123 1.50 3.39 -15.93
N SER A 124 1.40 3.10 -17.22
CA SER A 124 0.92 4.10 -18.22
C SER A 124 -0.59 4.26 -18.02
N MET A 125 -1.14 5.36 -18.50
CA MET A 125 -2.46 5.84 -18.07
C MET A 125 -3.54 4.83 -18.50
N TYR A 126 -4.46 4.51 -17.57
CA TYR A 126 -5.63 3.61 -17.79
C TYR A 126 -5.17 2.23 -18.28
N ASN A 127 -3.92 1.83 -17.99
CA ASN A 127 -3.30 0.60 -18.52
C ASN A 127 -3.11 -0.40 -17.37
N ASP A 128 -4.09 -1.29 -17.19
CA ASP A 128 -4.16 -2.30 -16.10
C ASP A 128 -4.04 -3.68 -16.73
N PRO A 129 -3.50 -4.69 -16.01
CA PRO A 129 -3.53 -6.06 -16.51
C PRO A 129 -4.98 -6.53 -16.66
N GLN A 130 -5.18 -7.52 -17.52
CA GLN A 130 -6.48 -8.23 -17.73
C GLN A 130 -6.90 -8.92 -16.44
N PHE A 131 -8.22 -9.02 -16.22
CA PHE A 131 -8.78 -9.71 -15.03
C PHE A 131 -8.23 -11.14 -15.07
N GLY A 132 -7.94 -11.70 -13.89
CA GLY A 132 -7.35 -13.03 -13.72
C GLY A 132 -5.84 -12.99 -13.78
N THR A 133 -5.23 -11.83 -14.05
CA THR A 133 -3.76 -11.65 -13.84
C THR A 133 -3.45 -11.82 -12.35
N SER A 134 -2.32 -12.49 -12.06
CA SER A 134 -1.77 -12.69 -10.70
C SER A 134 -0.89 -11.49 -10.36
N CYS A 135 -1.19 -10.81 -9.24
CA CYS A 135 -0.35 -9.70 -8.72
C CYS A 135 0.10 -10.01 -7.30
N GLU A 136 1.14 -9.32 -6.85
CA GLU A 136 1.77 -9.50 -5.53
C GLU A 136 1.30 -8.35 -4.62
N ILE A 137 1.00 -8.66 -3.35
CA ILE A 137 0.76 -7.67 -2.26
C ILE A 137 1.77 -7.92 -1.15
N THR A 138 2.25 -6.86 -0.51
CA THR A 138 3.33 -6.86 0.52
C THR A 138 2.83 -6.04 1.71
N GLY A 139 3.13 -6.46 2.92
CA GLY A 139 2.70 -5.74 4.13
C GLY A 139 3.13 -6.39 5.42
N PHE A 140 3.01 -5.63 6.48
CA PHE A 140 3.21 -6.04 7.89
C PHE A 140 1.86 -6.23 8.57
N GLY A 141 0.77 -6.28 7.80
CA GLY A 141 -0.59 -6.42 8.35
C GLY A 141 -0.84 -7.77 9.02
N LYS A 142 -1.98 -7.90 9.66
CA LYS A 142 -2.34 -9.10 10.44
C LYS A 142 -2.22 -10.35 9.56
N GLU A 143 -1.79 -11.46 10.17
CA GLU A 143 -1.74 -12.81 9.54
C GLU A 143 -3.08 -13.53 9.69
N GLN A 144 -3.93 -13.07 10.61
CA GLN A 144 -5.30 -13.59 10.87
C GLN A 144 -6.14 -12.41 11.35
N SER A 145 -7.39 -12.36 10.90
CA SER A 145 -8.35 -11.29 11.26
C SER A 145 -8.45 -11.16 12.79
N THR A 146 -8.30 -12.25 13.54
CA THR A 146 -8.52 -12.28 15.01
C THR A 146 -7.19 -12.02 15.73
N ASP A 147 -6.09 -11.89 15.00
CA ASP A 147 -4.77 -11.56 15.63
C ASP A 147 -4.88 -10.18 16.27
N TYR A 148 -4.20 -9.99 17.40
CA TYR A 148 -3.99 -8.68 18.06
C TYR A 148 -2.67 -8.09 17.56
N LEU A 149 -1.65 -8.93 17.43
CA LEU A 149 -0.30 -8.55 16.96
C LEU A 149 -0.25 -8.50 15.43
N TYR A 150 0.67 -7.71 14.92
CA TYR A 150 1.18 -7.74 13.53
C TYR A 150 2.37 -8.67 13.50
N PRO A 151 2.69 -9.32 12.36
CA PRO A 151 3.92 -10.08 12.23
C PRO A 151 5.13 -9.13 12.29
N GLU A 152 6.20 -9.65 12.89
CA GLU A 152 7.49 -8.94 12.97
C GLU A 152 8.16 -8.96 11.61
N GLN A 153 7.90 -9.99 10.79
CA GLN A 153 8.63 -10.22 9.52
C GLN A 153 7.71 -9.84 8.37
N LEU A 154 8.24 -9.15 7.38
CA LEU A 154 7.44 -8.72 6.20
C LEU A 154 6.84 -9.94 5.52
N LYS A 155 5.64 -9.81 4.95
CA LYS A 155 4.98 -10.90 4.22
C LYS A 155 4.58 -10.41 2.83
N MET A 156 4.37 -11.36 1.93
CA MET A 156 3.83 -11.12 0.58
C MET A 156 2.97 -12.30 0.18
N THR A 157 2.01 -12.03 -0.66
CA THR A 157 1.15 -13.08 -1.22
C THR A 157 0.81 -12.68 -2.65
N VAL A 158 0.05 -13.53 -3.29
CA VAL A 158 -0.36 -13.37 -4.70
C VAL A 158 -1.87 -13.39 -4.67
N VAL A 159 -2.52 -12.46 -5.35
CA VAL A 159 -3.99 -12.47 -5.54
C VAL A 159 -4.25 -12.20 -7.03
N LYS A 160 -5.43 -12.57 -7.50
CA LYS A 160 -5.85 -12.43 -8.91
C LYS A 160 -6.81 -11.25 -9.01
N LEU A 161 -6.56 -10.39 -10.01
CA LEU A 161 -7.41 -9.23 -10.40
C LEU A 161 -8.79 -9.77 -10.76
N ILE A 162 -9.82 -9.16 -10.18
CA ILE A 162 -11.25 -9.46 -10.44
C ILE A 162 -11.79 -8.33 -11.32
N SER A 163 -12.60 -8.65 -12.33
CA SER A 163 -13.31 -7.66 -13.19
C SER A 163 -14.25 -6.80 -12.35
N HIS A 164 -14.44 -5.54 -12.74
CA HIS A 164 -15.38 -4.60 -12.09
C HIS A 164 -16.78 -5.20 -12.05
N ARG A 165 -17.21 -5.89 -13.13
CA ARG A 165 -18.56 -6.52 -13.25
C ARG A 165 -18.77 -7.50 -12.10
N GLU A 166 -17.80 -8.40 -11.91
CA GLU A 166 -17.81 -9.40 -10.80
C GLU A 166 -17.87 -8.64 -9.46
N CYS A 167 -16.99 -7.67 -9.26
CA CYS A 167 -16.83 -7.04 -7.93
C CYS A 167 -18.06 -6.20 -7.58
N GLN A 168 -18.75 -5.63 -8.57
CA GLN A 168 -19.96 -4.79 -8.33
C GLN A 168 -21.20 -5.67 -8.14
N GLN A 169 -21.10 -7.01 -8.20
CA GLN A 169 -22.27 -7.89 -7.89
C GLN A 169 -22.69 -7.66 -6.45
N PRO A 170 -24.02 -7.61 -6.15
CA PRO A 170 -24.51 -7.39 -4.78
C PRO A 170 -23.84 -8.18 -3.65
N HIS A 171 -23.68 -9.51 -3.81
CA HIS A 171 -23.14 -10.40 -2.74
C HIS A 171 -21.64 -10.17 -2.58
N TYR A 172 -20.98 -9.52 -3.56
CA TYR A 172 -19.63 -8.91 -3.41
C TYR A 172 -19.79 -7.53 -2.75
N TYR A 173 -19.55 -6.42 -3.45
CA TYR A 173 -19.55 -5.06 -2.85
C TYR A 173 -20.57 -4.10 -3.48
N GLY A 174 -21.35 -4.51 -4.49
CA GLY A 174 -22.34 -3.61 -5.12
C GLY A 174 -21.65 -2.42 -5.77
N SER A 175 -22.20 -1.23 -5.61
CA SER A 175 -21.69 0.05 -6.19
C SER A 175 -20.61 0.66 -5.28
N GLU A 176 -20.33 0.10 -4.11
CA GLU A 176 -19.22 0.56 -3.23
C GLU A 176 -17.91 0.55 -4.01
N VAL A 177 -17.75 -0.39 -4.96
CA VAL A 177 -16.57 -0.43 -5.85
C VAL A 177 -16.88 0.47 -7.06
N THR A 178 -15.93 1.33 -7.40
CA THR A 178 -16.00 2.28 -8.53
C THR A 178 -14.89 1.95 -9.52
N THR A 179 -14.86 2.67 -10.64
CA THR A 179 -13.87 2.46 -11.72
C THR A 179 -12.50 2.97 -11.26
N LYS A 180 -12.41 3.71 -10.16
CA LYS A 180 -11.12 4.20 -9.61
C LYS A 180 -10.56 3.19 -8.59
N MET A 181 -11.21 2.03 -8.44
CA MET A 181 -10.76 0.95 -7.52
C MET A 181 -10.49 -0.31 -8.35
N LEU A 182 -9.63 -1.21 -7.86
CA LEU A 182 -9.46 -2.57 -8.41
C LEU A 182 -9.72 -3.57 -7.29
N CYS A 183 -10.41 -4.67 -7.60
CA CYS A 183 -10.62 -5.81 -6.68
C CYS A 183 -9.63 -6.92 -7.01
N ALA A 184 -9.16 -7.61 -5.99
CA ALA A 184 -8.24 -8.75 -6.15
C ALA A 184 -8.49 -9.72 -5.00
N ALA A 185 -8.46 -11.01 -5.31
CA ALA A 185 -8.76 -12.06 -4.32
C ALA A 185 -8.14 -13.37 -4.79
N ASP A 186 -8.12 -14.32 -3.87
CA ASP A 186 -7.70 -15.72 -4.12
C ASP A 186 -8.95 -16.49 -4.57
N PRO A 187 -8.81 -17.35 -5.61
CA PRO A 187 -9.91 -18.22 -6.04
C PRO A 187 -10.49 -19.05 -4.87
N GLN A 188 -9.68 -19.39 -3.87
CA GLN A 188 -10.14 -20.14 -2.67
C GLN A 188 -10.35 -19.18 -1.48
N TRP A 189 -10.15 -17.87 -1.66
CA TRP A 189 -10.31 -16.82 -0.62
C TRP A 189 -9.39 -17.10 0.57
N LYS A 190 -8.26 -17.77 0.37
CA LYS A 190 -7.45 -18.30 1.49
C LYS A 190 -6.29 -17.34 1.79
N THR A 191 -6.05 -16.32 0.94
CA THR A 191 -4.96 -15.32 1.10
C THR A 191 -5.51 -13.93 0.71
N ASP A 192 -5.05 -12.89 1.39
CA ASP A 192 -5.60 -11.53 1.28
C ASP A 192 -4.68 -10.55 2.03
N SER A 193 -4.91 -9.27 1.78
CA SER A 193 -4.50 -8.14 2.64
C SER A 193 -5.37 -8.12 3.90
N CYS A 194 -4.88 -7.52 4.96
CA CYS A 194 -5.65 -7.34 6.20
C CYS A 194 -5.23 -6.04 6.86
N GLN A 195 -5.86 -5.74 8.01
CA GLN A 195 -5.54 -4.55 8.84
C GLN A 195 -4.02 -4.42 8.99
N GLY A 196 -3.49 -3.21 8.73
CA GLY A 196 -2.05 -2.90 8.78
C GLY A 196 -1.34 -3.04 7.42
N ASP A 197 -1.98 -3.61 6.41
CA ASP A 197 -1.41 -3.68 5.04
C ASP A 197 -1.80 -2.43 4.25
N SER A 198 -2.69 -1.60 4.78
CA SER A 198 -3.18 -0.35 4.16
C SER A 198 -2.02 0.42 3.55
N GLY A 199 -2.22 0.98 2.36
CA GLY A 199 -1.22 1.88 1.74
C GLY A 199 -0.15 1.13 0.96
N GLY A 200 -0.03 -0.18 1.19
CA GLY A 200 1.00 -1.05 0.60
C GLY A 200 0.75 -1.34 -0.88
N PRO A 201 1.78 -1.85 -1.60
CA PRO A 201 1.67 -2.04 -3.04
C PRO A 201 0.92 -3.30 -3.46
N LEU A 202 0.12 -3.16 -4.51
CA LEU A 202 -0.28 -4.24 -5.43
C LEU A 202 0.57 -4.11 -6.69
N VAL A 203 1.44 -5.09 -6.95
CA VAL A 203 2.44 -5.02 -8.06
C VAL A 203 2.08 -6.09 -9.09
N CYS A 204 2.01 -5.69 -10.35
CA CYS A 204 1.79 -6.64 -11.46
C CYS A 204 2.85 -6.41 -12.53
N SER A 205 3.04 -7.42 -13.37
CA SER A 205 3.93 -7.37 -14.55
C SER A 205 3.16 -6.76 -15.72
N LEU A 206 3.64 -5.65 -16.26
CA LEU A 206 3.00 -4.95 -17.41
C LEU A 206 4.08 -4.61 -18.43
N GLN A 207 3.94 -5.09 -19.67
CA GLN A 207 4.96 -5.00 -20.74
C GLN A 207 6.34 -5.23 -20.10
N GLY A 208 6.49 -6.39 -19.47
CA GLY A 208 7.75 -6.89 -18.91
C GLY A 208 8.32 -5.93 -17.88
N ARG A 209 7.46 -5.27 -17.09
CA ARG A 209 7.90 -4.33 -16.03
C ARG A 209 7.05 -4.55 -14.77
N MET A 210 7.68 -4.74 -13.61
CA MET A 210 6.95 -4.70 -12.33
C MET A 210 6.45 -3.25 -12.15
N THR A 211 5.14 -3.12 -11.93
CA THR A 211 4.38 -1.85 -11.99
C THR A 211 3.44 -1.72 -10.79
N LEU A 212 3.39 -0.55 -10.17
CA LEU A 212 2.44 -0.29 -9.06
C LEU A 212 1.03 -0.12 -9.62
N THR A 213 0.24 -1.19 -9.64
CA THR A 213 -1.12 -1.25 -10.23
C THR A 213 -2.12 -0.75 -9.17
N GLY A 214 -1.83 -0.99 -7.90
CA GLY A 214 -2.82 -0.66 -6.87
C GLY A 214 -2.19 -0.35 -5.54
N ILE A 215 -3.01 0.22 -4.65
CA ILE A 215 -2.63 0.58 -3.27
C ILE A 215 -3.69 -0.03 -2.34
N VAL A 216 -3.25 -0.81 -1.35
CA VAL A 216 -4.17 -1.48 -0.42
C VAL A 216 -5.10 -0.39 0.17
N SER A 217 -6.41 -0.53 0.04
CA SER A 217 -7.40 0.50 0.45
C SER A 217 -8.41 -0.03 1.47
N TRP A 218 -9.24 -1.02 1.11
CA TRP A 218 -10.32 -1.48 2.01
C TRP A 218 -10.81 -2.86 1.63
N GLY A 219 -11.73 -3.35 2.47
CA GLY A 219 -12.34 -4.67 2.29
C GLY A 219 -13.18 -5.04 3.50
N ARG A 220 -14.17 -5.90 3.32
CA ARG A 220 -14.99 -6.41 4.47
C ARG A 220 -14.22 -7.61 5.02
N GLY A 221 -13.82 -7.55 6.30
CA GLY A 221 -12.95 -8.58 6.89
C GLY A 221 -11.71 -8.81 6.04
N CYS A 222 -11.14 -10.00 6.08
CA CYS A 222 -9.96 -10.39 5.28
C CYS A 222 -10.15 -11.86 4.91
N ALA A 223 -9.83 -12.22 3.67
CA ALA A 223 -9.86 -13.61 3.20
C ALA A 223 -11.21 -14.23 3.58
N LEU A 224 -12.29 -13.45 3.34
CA LEU A 224 -13.71 -13.85 3.48
C LEU A 224 -14.26 -14.17 2.10
N LYS A 225 -15.02 -15.25 1.97
CA LYS A 225 -15.71 -15.60 0.69
C LYS A 225 -16.54 -14.40 0.19
N ASP A 226 -16.43 -14.11 -1.11
CA ASP A 226 -17.16 -13.03 -1.83
C ASP A 226 -16.79 -11.64 -1.33
N LYS A 227 -15.66 -11.46 -0.62
CA LYS A 227 -15.23 -10.14 -0.08
C LYS A 227 -13.78 -9.93 -0.48
N PRO A 228 -13.54 -9.57 -1.75
CA PRO A 228 -12.19 -9.30 -2.24
C PRO A 228 -11.48 -8.15 -1.51
N GLY A 229 -10.16 -8.09 -1.61
CA GLY A 229 -9.43 -6.88 -1.22
C GLY A 229 -9.72 -5.80 -2.23
N VAL A 230 -9.79 -4.54 -1.80
CA VAL A 230 -10.02 -3.38 -2.71
C VAL A 230 -8.82 -2.43 -2.63
N TYR A 231 -8.42 -1.97 -3.80
CA TYR A 231 -7.16 -1.26 -4.08
C TYR A 231 -7.51 -0.01 -4.90
N THR A 232 -6.83 1.08 -4.62
CA THR A 232 -6.84 2.33 -5.40
C THR A 232 -6.21 1.96 -6.75
N ARG A 233 -6.91 2.28 -7.83
CA ARG A 233 -6.47 1.95 -9.21
C ARG A 233 -5.51 3.06 -9.66
N VAL A 234 -4.22 2.83 -9.45
CA VAL A 234 -3.15 3.87 -9.60
C VAL A 234 -3.18 4.48 -11.02
N SER A 235 -3.57 3.72 -12.04
CA SER A 235 -3.53 4.13 -13.48
C SER A 235 -4.60 5.20 -13.77
N HIS A 236 -5.50 5.45 -12.82
CA HIS A 236 -6.57 6.49 -12.87
C HIS A 236 -6.18 7.74 -12.08
N PHE A 237 -4.94 7.85 -11.57
CA PHE A 237 -4.56 8.96 -10.68
C PHE A 237 -3.27 9.61 -11.18
N LEU A 238 -2.76 9.28 -12.38
CA LEU A 238 -1.43 9.79 -12.84
C LEU A 238 -1.43 11.32 -12.92
N PRO A 239 -2.50 11.98 -13.37
CA PRO A 239 -2.53 13.44 -13.37
C PRO A 239 -2.32 14.00 -11.95
N TRP A 240 -3.01 13.41 -10.97
CA TRP A 240 -2.93 13.84 -9.55
C TRP A 240 -1.53 13.56 -9.03
N ILE A 241 -0.97 12.37 -9.33
CA ILE A 241 0.43 12.05 -8.97
C ILE A 241 1.36 13.07 -9.66
N ARG A 242 1.22 13.28 -10.96
CA ARG A 242 2.15 14.16 -11.72
C ARG A 242 2.08 15.58 -11.14
N SER A 243 0.87 16.10 -10.93
CA SER A 243 0.64 17.50 -10.47
C SER A 243 1.31 17.69 -9.11
N HIS A 244 1.21 16.74 -8.18
CA HIS A 244 1.67 16.93 -6.78
C HIS A 244 3.12 16.48 -6.58
N THR A 245 3.81 15.99 -7.61
CA THR A 245 5.25 15.58 -7.54
C THR A 245 6.07 16.34 -8.59
N LYS A 246 5.66 17.54 -9.00
CA LYS A 246 6.33 18.34 -10.06
C LYS A 246 7.41 19.20 -9.43
C1 PGE B . 3.80 0.88 21.39
O1 PGE B . 3.31 2.15 21.82
C2 PGE B . 5.27 0.93 21.10
O2 PGE B . 5.59 -0.03 20.11
C3 PGE B . 6.50 -1.04 20.53
C4 PGE B . 6.46 -2.18 19.56
O4 PGE B . 3.35 -5.11 21.28
C6 PGE B . 4.76 -5.06 21.10
C5 PGE B . 5.07 -4.08 20.01
O3 PGE B . 6.30 -3.41 20.29
C2 GBS C . -8.89 -5.43 4.04
C3 GBS C . -8.94 -5.07 5.38
C4 GBS C . -8.23 -3.95 5.85
C6 GBS C . -6.79 -2.09 5.45
C1 GBS C . -8.16 -4.64 3.13
N4 GBS C . -8.38 -7.41 1.94
C5 GBS C . -7.48 -3.21 4.97
C18 GBS C . -9.52 -7.35 2.67
O GBS C . -6.34 -1.21 4.66
N2 GBS C . -9.66 -6.47 3.67
N3 GBS C . -10.53 -8.22 2.45
C GBS C . -7.44 -3.55 3.61
O1 GBS C . -6.68 -1.92 6.69
#